data_8S6A
#
_entry.id   8S6A
#
_cell.length_a   46.910
_cell.length_b   42.560
_cell.length_c   48.290
_cell.angle_alpha   90.00
_cell.angle_beta   96.09
_cell.angle_gamma   90.00
#
_symmetry.space_group_name_H-M   'P 1 21 1'
#
loop_
_entity.id
_entity.type
_entity.pdbx_description
1 polymer 'Segment polarity protein dishevelled homolog DVL-3'
2 polymer 'C8 peptide'
3 water water
#
loop_
_entity_poly.entity_id
_entity_poly.type
_entity_poly.pdbx_seq_one_letter_code
_entity_poly.pdbx_strand_id
1 'polypeptide(L)'
;GAMALNIITVTLNMEKYNFLGISIVGQSNERGDGGIYIGSIMKGGAVAADGRIEPGDMLLQVNEINFENMSNDDAVRVLR
EIVHKPGPITLTVAKCWDPSPRGCFTLPRSE
;
B,A
2 'polypeptide(L)' SEFFVDVM P
#
# COMPACT_ATOMS: atom_id res chain seq x y z
N ASN A 6 -2.10 9.91 2.14
CA ASN A 6 -2.10 8.94 1.09
C ASN A 6 -0.80 8.16 1.26
N ILE A 7 -0.88 6.86 1.52
CA ILE A 7 0.21 5.90 1.37
C ILE A 7 0.07 5.26 0.02
N ILE A 8 1.10 5.34 -0.80
CA ILE A 8 1.06 4.77 -2.16
C ILE A 8 2.15 3.70 -2.29
N THR A 9 1.83 2.70 -3.11
CA THR A 9 2.73 1.62 -3.44
C THR A 9 3.07 1.72 -4.91
N VAL A 10 4.37 1.84 -5.18
CA VAL A 10 4.80 2.05 -6.57
C VAL A 10 5.68 0.89 -6.92
N THR A 11 5.25 0.15 -7.93
CA THR A 11 6.01 -1.01 -8.44
C THR A 11 6.71 -0.62 -9.72
N LEU A 12 8.03 -0.66 -9.65
CA LEU A 12 8.86 -0.35 -10.81
C LEU A 12 9.45 -1.66 -11.30
N ASN A 13 9.16 -2.05 -12.53
N ASN A 13 9.14 -2.02 -12.54
CA ASN A 13 9.62 -3.37 -13.00
CA ASN A 13 9.56 -3.32 -13.11
C ASN A 13 11.12 -3.34 -13.36
C ASN A 13 11.08 -3.34 -13.36
N MET A 14 11.72 -2.14 -13.51
CA MET A 14 13.21 -1.98 -13.68
C MET A 14 13.75 -2.79 -14.88
N GLU A 15 12.92 -2.94 -15.91
CA GLU A 15 13.27 -3.64 -17.16
C GLU A 15 14.04 -2.66 -18.04
N LYS A 16 13.62 -1.39 -18.01
CA LYS A 16 14.10 -0.35 -18.95
C LYS A 16 14.99 0.65 -18.23
N TYR A 17 15.06 0.57 -16.91
CA TYR A 17 15.81 1.51 -16.06
C TYR A 17 16.63 0.69 -15.09
N ASN A 18 17.88 1.06 -14.89
CA ASN A 18 18.75 0.39 -13.90
C ASN A 18 18.85 1.25 -12.63
N PHE A 19 18.23 2.45 -12.62
CA PHE A 19 18.27 3.34 -11.44
C PHE A 19 16.91 3.99 -11.20
N LEU A 20 16.69 4.44 -9.96
CA LEU A 20 15.41 5.12 -9.60
C LEU A 20 15.37 6.52 -10.18
N GLY A 21 16.54 7.16 -10.26
CA GLY A 21 16.60 8.59 -10.59
C GLY A 21 15.97 9.45 -9.52
N ILE A 22 16.40 9.27 -8.28
CA ILE A 22 15.96 10.12 -7.17
C ILE A 22 17.18 10.47 -6.35
N SER A 23 17.07 11.63 -5.69
CA SER A 23 17.96 11.92 -4.58
C SER A 23 17.18 11.81 -3.29
N ILE A 24 17.91 11.58 -2.23
CA ILE A 24 17.33 11.42 -0.88
C ILE A 24 17.78 12.51 0.08
N VAL A 25 16.85 12.99 0.87
CA VAL A 25 17.10 13.90 2.01
C VAL A 25 16.79 13.21 3.32
N GLY A 26 17.68 13.19 4.27
CA GLY A 26 17.43 12.71 5.63
C GLY A 26 16.99 13.80 6.56
N GLN A 27 15.96 13.55 7.38
CA GLN A 27 15.56 14.44 8.48
C GLN A 27 15.72 13.70 9.81
N SER A 28 16.15 14.37 10.88
CA SER A 28 16.48 13.70 12.17
C SER A 28 15.28 13.45 13.11
N GLY A 34 11.69 12.11 11.80
CA GLY A 34 12.84 11.27 11.42
C GLY A 34 12.51 10.36 10.26
N GLY A 35 13.26 10.43 9.19
CA GLY A 35 13.13 9.48 8.08
C GLY A 35 13.83 9.98 6.83
N ILE A 36 13.65 9.27 5.76
CA ILE A 36 14.24 9.61 4.44
C ILE A 36 13.15 9.99 3.50
N TYR A 37 13.39 11.03 2.71
CA TYR A 37 12.40 11.70 1.87
C TYR A 37 12.99 11.90 0.46
N ILE A 38 12.11 12.09 -0.47
CA ILE A 38 12.49 12.35 -1.88
C ILE A 38 12.96 13.80 -1.91
N GLY A 39 14.17 13.99 -2.37
CA GLY A 39 14.75 15.36 -2.59
C GLY A 39 14.36 15.91 -3.94
N SER A 40 14.67 15.16 -4.97
N SER A 40 14.77 15.20 -4.98
CA SER A 40 14.40 15.53 -6.37
CA SER A 40 14.56 15.52 -6.39
C SER A 40 14.29 14.24 -7.16
C SER A 40 14.26 14.22 -7.14
N ILE A 41 13.60 14.35 -8.29
CA ILE A 41 13.40 13.27 -9.24
C ILE A 41 14.08 13.71 -10.56
N MET A 42 14.90 12.81 -11.09
CA MET A 42 15.75 13.02 -12.30
C MET A 42 15.06 12.46 -13.53
N LYS A 43 15.06 13.18 -14.64
CA LYS A 43 14.70 12.64 -15.97
C LYS A 43 15.58 11.44 -16.26
N GLY A 44 14.96 10.37 -16.77
CA GLY A 44 15.66 9.17 -17.24
C GLY A 44 15.63 8.03 -16.22
N GLY A 45 15.11 8.26 -15.01
CA GLY A 45 14.97 7.16 -14.02
C GLY A 45 13.59 6.53 -13.99
N ALA A 46 13.52 5.43 -13.24
CA ALA A 46 12.27 4.63 -13.11
C ALA A 46 11.17 5.45 -12.42
N VAL A 47 11.53 6.28 -11.47
CA VAL A 47 10.55 7.04 -10.66
C VAL A 47 9.85 8.09 -11.51
N ALA A 48 10.62 8.81 -12.32
CA ALA A 48 9.99 9.76 -13.25
C ALA A 48 9.06 9.09 -14.28
N ALA A 49 9.41 7.89 -14.75
CA ALA A 49 8.60 7.14 -15.71
C ALA A 49 7.23 6.78 -15.08
N ASP A 50 7.23 6.54 -13.77
CA ASP A 50 5.98 6.23 -13.06
C ASP A 50 5.14 7.48 -12.81
N GLY A 51 5.77 8.58 -12.36
CA GLY A 51 5.09 9.88 -12.23
C GLY A 51 4.42 10.14 -10.90
N ARG A 52 4.14 9.11 -10.08
CA ARG A 52 3.34 9.34 -8.87
C ARG A 52 4.09 9.96 -7.70
N ILE A 53 5.36 9.60 -7.50
CA ILE A 53 6.17 10.10 -6.37
C ILE A 53 6.60 11.57 -6.66
N GLU A 54 6.59 12.36 -5.61
CA GLU A 54 6.88 13.82 -5.71
C GLU A 54 7.97 14.13 -4.71
N PRO A 55 8.72 15.26 -4.92
CA PRO A 55 9.64 15.72 -3.89
C PRO A 55 8.86 15.95 -2.57
N GLY A 56 9.53 15.60 -1.46
CA GLY A 56 9.03 15.72 -0.10
C GLY A 56 8.23 14.48 0.35
N ASP A 57 7.95 13.57 -0.54
CA ASP A 57 7.30 12.29 -0.09
C ASP A 57 8.27 11.53 0.81
N MET A 58 7.72 10.75 1.77
CA MET A 58 8.56 10.02 2.71
C MET A 58 8.68 8.57 2.25
N LEU A 59 9.87 7.99 2.26
CA LEU A 59 10.02 6.58 1.83
C LEU A 59 9.88 5.77 3.10
N LEU A 60 8.88 4.86 3.07
CA LEU A 60 8.54 4.01 4.25
C LEU A 60 9.17 2.61 4.16
N GLN A 61 9.15 2.00 2.98
CA GLN A 61 9.61 0.61 2.76
C GLN A 61 10.07 0.43 1.33
N VAL A 62 10.93 -0.54 1.16
CA VAL A 62 11.30 -1.05 -0.18
C VAL A 62 11.24 -2.57 -0.07
N ASN A 63 10.51 -3.19 -0.99
CA ASN A 63 10.40 -4.66 -1.08
C ASN A 63 10.20 -5.22 0.32
N GLU A 64 9.24 -4.69 1.06
CA GLU A 64 8.79 -5.28 2.37
C GLU A 64 9.79 -4.97 3.47
N ILE A 65 10.87 -4.24 3.19
CA ILE A 65 11.84 -3.84 4.22
C ILE A 65 11.45 -2.46 4.72
N ASN A 66 11.25 -2.34 6.03
CA ASN A 66 10.74 -1.14 6.66
C ASN A 66 11.93 -0.27 7.08
N PHE A 67 11.89 1.02 6.77
CA PHE A 67 13.01 1.91 7.13
C PHE A 67 12.84 2.44 8.55
N GLU A 68 11.68 2.22 9.20
CA GLU A 68 11.43 2.83 10.52
C GLU A 68 12.45 2.32 11.56
N ASN A 69 13.09 1.17 11.27
N ASN A 69 13.07 1.16 11.33
CA ASN A 69 13.95 0.45 12.21
CA ASN A 69 13.99 0.53 12.31
C ASN A 69 15.43 0.74 11.96
C ASN A 69 15.45 0.79 12.00
N MET A 70 15.75 1.73 11.09
CA MET A 70 17.18 2.00 10.76
C MET A 70 17.48 3.50 10.63
N SER A 71 18.75 3.83 10.85
CA SER A 71 19.24 5.20 10.60
C SER A 71 18.96 5.60 9.16
N ASN A 72 18.92 6.89 8.89
CA ASN A 72 18.70 7.40 7.51
C ASN A 72 19.81 6.88 6.59
N ASP A 73 21.07 6.93 7.03
CA ASP A 73 22.15 6.48 6.15
C ASP A 73 22.09 4.96 5.92
N ASP A 74 21.73 4.18 6.96
CA ASP A 74 21.51 2.71 6.71
C ASP A 74 20.35 2.46 5.73
N ALA A 75 19.28 3.24 5.83
CA ALA A 75 18.16 3.19 4.88
C ALA A 75 18.62 3.42 3.45
N VAL A 76 19.53 4.42 3.30
CA VAL A 76 20.02 4.69 1.92
C VAL A 76 20.89 3.52 1.44
N ARG A 77 21.76 2.98 2.29
CA ARG A 77 22.58 1.81 1.91
C ARG A 77 21.72 0.63 1.44
N VAL A 78 20.64 0.35 2.18
CA VAL A 78 19.78 -0.79 1.85
C VAL A 78 19.06 -0.49 0.53
N LEU A 79 18.56 0.74 0.38
CA LEU A 79 17.93 1.12 -0.90
C LEU A 79 18.91 0.89 -2.06
N ARG A 80 20.16 1.36 -1.90
CA ARG A 80 21.16 1.25 -2.97
C ARG A 80 21.37 -0.24 -3.31
N GLU A 81 21.47 -1.07 -2.27
CA GLU A 81 21.68 -2.53 -2.45
C GLU A 81 20.52 -3.20 -3.24
N ILE A 82 19.30 -2.79 -2.95
CA ILE A 82 18.09 -3.39 -3.58
C ILE A 82 18.01 -2.93 -5.02
N VAL A 83 18.39 -1.65 -5.28
CA VAL A 83 18.37 -1.16 -6.67
C VAL A 83 19.43 -1.92 -7.45
N HIS A 84 20.55 -2.21 -6.83
CA HIS A 84 21.68 -2.90 -7.49
C HIS A 84 21.32 -4.33 -7.90
N LYS A 85 20.51 -5.00 -7.08
CA LYS A 85 20.02 -6.39 -7.31
C LYS A 85 19.06 -6.36 -8.51
N PRO A 86 19.24 -7.23 -9.52
CA PRO A 86 18.27 -7.29 -10.60
C PRO A 86 16.87 -7.66 -10.07
N GLY A 87 15.86 -7.08 -10.70
CA GLY A 87 14.46 -7.40 -10.47
C GLY A 87 13.63 -6.19 -10.09
N PRO A 88 12.29 -6.38 -10.06
CA PRO A 88 11.36 -5.31 -9.73
C PRO A 88 11.54 -4.76 -8.31
N ILE A 89 11.22 -3.48 -8.17
CA ILE A 89 11.27 -2.75 -6.89
C ILE A 89 9.86 -2.27 -6.57
N THR A 90 9.45 -2.44 -5.31
CA THR A 90 8.19 -1.87 -4.78
C THR A 90 8.53 -0.87 -3.69
N LEU A 91 8.19 0.41 -3.91
CA LEU A 91 8.42 1.46 -2.91
C LEU A 91 7.10 1.81 -2.29
N THR A 92 7.11 1.93 -0.97
CA THR A 92 5.93 2.36 -0.22
C THR A 92 6.27 3.79 0.23
N VAL A 93 5.43 4.74 -0.16
CA VAL A 93 5.73 6.18 0.20
C VAL A 93 4.49 6.81 0.85
N ALA A 94 4.73 7.73 1.78
CA ALA A 94 3.74 8.60 2.40
C ALA A 94 3.79 9.94 1.72
N LYS A 95 2.70 10.33 1.10
CA LYS A 95 2.55 11.64 0.43
C LYS A 95 2.54 12.74 1.47
N CYS A 96 3.46 13.72 1.35
CA CYS A 96 3.60 14.72 2.43
C CYS A 96 2.90 16.03 2.09
N ALA B 2 0.58 11.19 12.80
CA ALA B 2 0.15 9.84 12.31
C ALA B 2 1.37 8.93 12.18
N MET B 3 1.29 7.70 12.70
CA MET B 3 2.35 6.70 12.42
C MET B 3 1.70 5.36 12.15
N ALA B 4 2.37 4.52 11.37
CA ALA B 4 1.73 3.25 10.98
C ALA B 4 2.17 2.14 11.93
N LEU B 5 1.21 1.30 12.40
CA LEU B 5 1.56 0.13 13.21
C LEU B 5 2.28 -0.85 12.28
N ASN B 6 1.73 -1.06 11.09
CA ASN B 6 2.37 -1.91 10.07
C ASN B 6 1.68 -1.71 8.75
N ILE B 7 2.44 -1.75 7.66
CA ILE B 7 1.92 -1.68 6.29
C ILE B 7 2.44 -2.89 5.57
N ILE B 8 1.55 -3.65 4.93
CA ILE B 8 2.01 -4.81 4.17
C ILE B 8 1.38 -4.78 2.78
N THR B 9 2.12 -5.36 1.85
CA THR B 9 1.71 -5.47 0.44
C THR B 9 1.69 -6.94 0.09
N VAL B 10 0.54 -7.40 -0.40
CA VAL B 10 0.26 -8.84 -0.66
C VAL B 10 -0.13 -8.94 -2.12
N THR B 11 0.62 -9.69 -2.92
CA THR B 11 0.24 -10.08 -4.29
C THR B 11 -0.49 -11.44 -4.25
N LEU B 12 -1.70 -11.46 -4.78
CA LEU B 12 -2.58 -12.65 -4.74
C LEU B 12 -2.51 -13.33 -6.11
N ASN B 13 -2.27 -14.62 -6.12
CA ASN B 13 -2.32 -15.43 -7.35
C ASN B 13 -3.78 -15.84 -7.56
N MET B 14 -4.45 -15.12 -8.46
CA MET B 14 -5.88 -15.35 -8.82
C MET B 14 -6.00 -16.52 -9.77
N GLU B 15 -4.87 -16.98 -10.32
CA GLU B 15 -4.79 -18.26 -11.08
C GLU B 15 -4.96 -19.48 -10.16
N LYS B 16 -4.39 -19.48 -8.95
CA LYS B 16 -4.46 -20.66 -8.03
C LYS B 16 -5.76 -20.59 -7.21
N TYR B 17 -6.20 -19.40 -6.81
CA TYR B 17 -7.52 -19.15 -6.15
C TYR B 17 -8.27 -18.04 -6.86
N ASN B 18 -9.36 -18.40 -7.57
CA ASN B 18 -10.04 -17.53 -8.56
C ASN B 18 -10.95 -16.47 -7.91
N PHE B 19 -11.10 -16.50 -6.59
CA PHE B 19 -11.87 -15.46 -5.86
C PHE B 19 -11.10 -15.02 -4.62
N LEU B 20 -11.37 -13.76 -4.25
CA LEU B 20 -10.63 -13.06 -3.19
C LEU B 20 -10.99 -13.64 -1.83
N GLY B 21 -12.29 -13.82 -1.60
CA GLY B 21 -12.76 -14.39 -0.34
C GLY B 21 -12.79 -13.38 0.79
N ILE B 22 -13.17 -12.12 0.52
CA ILE B 22 -13.29 -11.09 1.59
C ILE B 22 -14.59 -10.31 1.45
N SER B 23 -14.97 -9.68 2.55
CA SER B 23 -15.93 -8.61 2.56
C SER B 23 -15.14 -7.32 2.89
N ILE B 24 -15.74 -6.19 2.52
CA ILE B 24 -15.22 -4.86 2.97
C ILE B 24 -16.29 -4.12 3.75
N VAL B 25 -15.83 -3.30 4.70
CA VAL B 25 -16.66 -2.45 5.56
CA VAL B 25 -16.71 -2.43 5.48
C VAL B 25 -16.15 -1.01 5.39
N GLY B 26 -17.05 -0.06 5.35
CA GLY B 26 -16.73 1.35 5.30
C GLY B 26 -16.86 1.95 6.68
N GLN B 27 -15.95 2.84 7.05
CA GLN B 27 -16.18 3.71 8.20
C GLN B 27 -16.04 5.11 7.68
N SER B 28 -16.81 6.00 8.25
CA SER B 28 -16.61 7.43 8.02
C SER B 28 -17.26 8.20 9.18
N ASN B 29 -16.72 9.36 9.50
CA ASN B 29 -17.36 10.29 10.44
C ASN B 29 -17.77 11.56 9.68
N GLU B 30 -18.37 12.52 10.38
CA GLU B 30 -18.90 13.78 9.80
C GLU B 30 -17.76 14.55 9.11
N ARG B 31 -16.53 14.20 9.44
CA ARG B 31 -15.34 15.06 9.25
C ARG B 31 -14.51 14.62 8.05
N GLY B 32 -14.93 13.56 7.39
CA GLY B 32 -14.31 12.94 6.23
C GLY B 32 -13.29 11.89 6.62
N ASP B 33 -13.12 11.57 7.91
CA ASP B 33 -12.12 10.58 8.35
C ASP B 33 -12.72 9.17 8.21
N GLY B 34 -11.88 8.20 7.90
CA GLY B 34 -12.35 6.81 7.75
C GLY B 34 -11.73 6.20 6.53
N GLY B 35 -12.38 5.22 5.96
CA GLY B 35 -11.80 4.47 4.87
C GLY B 35 -12.54 3.19 4.58
N ILE B 36 -11.82 2.31 3.95
CA ILE B 36 -12.31 0.98 3.54
C ILE B 36 -11.50 -0.06 4.31
N TYR B 37 -12.19 -1.02 4.98
CA TYR B 37 -11.52 -1.98 5.88
C TYR B 37 -11.94 -3.39 5.50
N ILE B 38 -11.04 -4.31 5.79
CA ILE B 38 -11.35 -5.75 5.65
C ILE B 38 -12.40 -6.13 6.72
N GLY B 39 -13.47 -6.78 6.25
CA GLY B 39 -14.57 -7.31 7.13
C GLY B 39 -14.24 -8.76 7.43
N SER B 40 -14.80 -9.67 6.68
CA SER B 40 -14.57 -11.11 6.87
C SER B 40 -13.52 -11.57 5.91
N ILE B 41 -12.76 -12.56 6.35
CA ILE B 41 -11.87 -13.32 5.44
C ILE B 41 -12.32 -14.79 5.45
N MET B 42 -12.69 -15.29 4.30
CA MET B 42 -13.29 -16.65 4.20
C MET B 42 -12.23 -17.64 3.75
N LYS B 43 -12.17 -18.82 4.39
CA LYS B 43 -11.23 -19.88 4.00
C LYS B 43 -11.56 -20.32 2.56
N GLY B 44 -10.54 -20.65 1.79
CA GLY B 44 -10.71 -21.10 0.40
C GLY B 44 -10.39 -20.01 -0.59
N GLY B 45 -10.42 -18.75 -0.16
CA GLY B 45 -10.11 -17.61 -1.03
C GLY B 45 -8.62 -17.26 -1.10
N ALA B 46 -8.27 -16.35 -2.02
CA ALA B 46 -6.86 -15.91 -2.23
C ALA B 46 -6.31 -15.25 -0.95
N VAL B 47 -7.09 -14.41 -0.28
CA VAL B 47 -6.60 -13.61 0.91
C VAL B 47 -6.31 -14.54 2.13
N ALA B 48 -7.22 -15.47 2.44
CA ALA B 48 -7.01 -16.44 3.54
C ALA B 48 -5.75 -17.28 3.34
N ALA B 49 -5.45 -17.68 2.11
CA ALA B 49 -4.28 -18.54 1.79
C ALA B 49 -2.97 -17.83 2.14
N ASP B 50 -2.95 -16.53 1.87
CA ASP B 50 -1.75 -15.73 2.16
C ASP B 50 -1.60 -15.62 3.68
N GLY B 51 -2.69 -15.33 4.39
CA GLY B 51 -2.75 -15.45 5.86
C GLY B 51 -2.31 -14.17 6.56
N ARG B 52 -1.85 -13.18 5.81
CA ARG B 52 -1.26 -12.00 6.44
C ARG B 52 -2.26 -10.88 6.71
N ILE B 53 -3.21 -10.69 5.79
CA ILE B 53 -4.29 -9.69 5.93
C ILE B 53 -5.25 -10.20 6.99
N GLU B 54 -5.75 -9.30 7.82
CA GLU B 54 -6.64 -9.65 8.94
C GLU B 54 -7.85 -8.72 8.99
N PRO B 55 -8.98 -9.19 9.57
CA PRO B 55 -10.18 -8.36 9.73
C PRO B 55 -9.76 -7.03 10.40
N GLY B 56 -10.29 -5.90 9.91
CA GLY B 56 -10.05 -4.58 10.52
C GLY B 56 -8.87 -3.86 9.85
N ASP B 57 -8.06 -4.58 9.08
CA ASP B 57 -6.98 -3.85 8.32
C ASP B 57 -7.63 -2.85 7.37
N MET B 58 -6.95 -1.69 7.18
N MET B 58 -6.94 -1.72 7.19
CA MET B 58 -7.41 -0.65 6.24
CA MET B 58 -7.45 -0.68 6.29
C MET B 58 -6.81 -0.92 4.86
C MET B 58 -6.84 -0.85 4.90
N LEU B 59 -7.66 -0.89 3.85
CA LEU B 59 -7.25 -1.07 2.45
C LEU B 59 -6.73 0.32 2.00
N LEU B 60 -5.46 0.37 1.59
CA LEU B 60 -4.83 1.64 1.11
C LEU B 60 -4.84 1.70 -0.40
N GLN B 61 -4.55 0.59 -1.05
CA GLN B 61 -4.39 0.56 -2.49
C GLN B 61 -4.74 -0.85 -2.98
N VAL B 62 -5.33 -0.92 -4.14
CA VAL B 62 -5.55 -2.20 -4.86
C VAL B 62 -5.03 -1.99 -6.28
N ASN B 63 -4.09 -2.83 -6.68
CA ASN B 63 -3.35 -2.66 -7.95
C ASN B 63 -2.78 -1.22 -7.91
N GLU B 64 -3.16 -0.36 -8.84
CA GLU B 64 -2.65 1.05 -8.86
C GLU B 64 -3.72 2.02 -8.37
N ILE B 65 -4.79 1.55 -7.69
CA ILE B 65 -5.92 2.45 -7.34
CA ILE B 65 -5.90 2.45 -7.33
C ILE B 65 -5.91 2.75 -5.83
N ASN B 66 -5.87 4.03 -5.46
CA ASN B 66 -5.94 4.53 -4.06
C ASN B 66 -7.34 4.27 -3.52
N PHE B 67 -7.40 3.69 -2.32
CA PHE B 67 -8.71 3.41 -1.65
C PHE B 67 -8.89 4.28 -0.42
N GLU B 68 -8.03 5.30 -0.21
CA GLU B 68 -8.09 6.08 1.04
C GLU B 68 -9.09 7.23 1.03
N ASN B 69 -9.62 7.56 -0.12
CA ASN B 69 -10.66 8.62 -0.21
C ASN B 69 -11.66 8.17 -1.24
N MET B 70 -12.35 7.07 -0.91
CA MET B 70 -13.20 6.44 -1.91
C MET B 70 -14.48 6.08 -1.17
N SER B 71 -15.61 6.43 -1.78
N SER B 71 -15.59 6.39 -1.82
CA SER B 71 -16.94 6.08 -1.27
CA SER B 71 -16.94 6.03 -1.37
C SER B 71 -17.06 4.55 -1.18
C SER B 71 -17.04 4.51 -1.19
N ASN B 72 -17.95 4.05 -0.33
CA ASN B 72 -18.21 2.60 -0.25
C ASN B 72 -18.71 2.08 -1.59
N ASP B 73 -19.67 2.77 -2.20
CA ASP B 73 -20.22 2.35 -3.50
C ASP B 73 -19.06 2.12 -4.48
N ASP B 74 -18.14 3.10 -4.59
CA ASP B 74 -17.01 3.01 -5.56
C ASP B 74 -16.05 1.88 -5.16
N ALA B 75 -15.72 1.78 -3.89
CA ALA B 75 -14.80 0.72 -3.40
C ALA B 75 -15.34 -0.64 -3.82
N VAL B 76 -16.63 -0.89 -3.57
CA VAL B 76 -17.25 -2.18 -3.96
C VAL B 76 -17.19 -2.37 -5.46
N ARG B 77 -17.59 -1.34 -6.23
CA ARG B 77 -17.59 -1.45 -7.71
C ARG B 77 -16.18 -1.71 -8.24
N VAL B 78 -15.21 -0.94 -7.74
CA VAL B 78 -13.82 -1.05 -8.25
C VAL B 78 -13.25 -2.43 -7.93
N LEU B 79 -13.41 -2.87 -6.70
CA LEU B 79 -12.89 -4.22 -6.39
C LEU B 79 -13.51 -5.28 -7.29
N ARG B 80 -14.81 -5.20 -7.61
CA ARG B 80 -15.43 -6.17 -8.56
C ARG B 80 -14.87 -6.08 -9.96
N GLU B 81 -14.73 -4.87 -10.50
CA GLU B 81 -14.12 -4.65 -11.83
C GLU B 81 -12.76 -5.37 -11.86
N ILE B 82 -12.00 -5.22 -10.77
CA ILE B 82 -10.62 -5.75 -10.64
C ILE B 82 -10.65 -7.27 -10.56
N VAL B 83 -11.48 -7.82 -9.69
CA VAL B 83 -11.61 -9.30 -9.55
C VAL B 83 -12.13 -9.88 -10.88
N HIS B 84 -13.12 -9.24 -11.50
CA HIS B 84 -13.77 -9.68 -12.76
C HIS B 84 -12.74 -10.04 -13.83
N LYS B 85 -11.83 -9.12 -14.16
CA LYS B 85 -10.81 -9.37 -15.21
C LYS B 85 -9.75 -10.33 -14.66
N PRO B 86 -9.21 -11.24 -15.51
CA PRO B 86 -8.14 -12.12 -15.09
C PRO B 86 -6.91 -11.31 -14.63
N GLY B 87 -5.98 -11.96 -13.93
CA GLY B 87 -4.68 -11.37 -13.59
C GLY B 87 -4.46 -11.20 -12.10
N PRO B 88 -3.19 -10.96 -11.69
CA PRO B 88 -2.85 -10.81 -10.29
C PRO B 88 -3.50 -9.57 -9.67
N ILE B 89 -3.64 -9.62 -8.35
CA ILE B 89 -4.18 -8.50 -7.58
C ILE B 89 -3.18 -8.29 -6.46
N THR B 90 -2.77 -7.02 -6.31
CA THR B 90 -1.92 -6.55 -5.21
C THR B 90 -2.75 -5.67 -4.29
N LEU B 91 -2.83 -6.07 -3.02
CA LEU B 91 -3.53 -5.34 -1.94
C LEU B 91 -2.45 -4.77 -1.02
N THR B 92 -2.46 -3.46 -0.80
CA THR B 92 -1.69 -2.82 0.29
C THR B 92 -2.62 -2.44 1.42
N VAL B 93 -2.27 -2.88 2.63
CA VAL B 93 -3.14 -2.63 3.80
C VAL B 93 -2.31 -2.09 4.95
N ALA B 94 -2.97 -1.35 5.82
CA ALA B 94 -2.44 -0.98 7.15
C ALA B 94 -3.08 -1.79 8.26
N LYS B 95 -2.24 -2.24 9.18
CA LYS B 95 -2.72 -2.75 10.48
C LYS B 95 -3.01 -1.52 11.30
N CYS B 96 -4.19 -1.39 11.87
CA CYS B 96 -4.65 -0.16 12.54
C CYS B 96 -4.39 -0.20 14.04
N TRP B 97 -3.94 0.88 14.64
CA TRP B 97 -3.83 0.95 16.10
C TRP B 97 -5.21 0.76 16.73
N ASP B 98 -6.19 1.47 16.20
CA ASP B 98 -7.56 1.60 16.77
C ASP B 98 -8.55 1.49 15.62
N PRO B 99 -9.69 0.78 15.78
CA PRO B 99 -10.61 0.57 14.68
C PRO B 99 -11.60 1.70 14.39
N SER B 100 -11.51 2.82 15.12
CA SER B 100 -12.39 4.00 14.93
C SER B 100 -12.03 4.74 13.62
N PRO B 101 -12.95 5.56 13.07
CA PRO B 101 -12.68 6.29 11.84
C PRO B 101 -11.33 7.01 11.85
N ARG B 102 -10.98 7.59 13.00
CA ARG B 102 -9.77 8.45 13.16
C ARG B 102 -8.58 7.61 13.64
N GLY B 103 -8.76 6.30 13.82
CA GLY B 103 -7.83 5.60 14.72
C GLY B 103 -6.76 4.77 14.06
N CYS B 104 -6.78 4.61 12.73
CA CYS B 104 -5.83 3.66 12.12
C CYS B 104 -4.41 4.10 12.39
N PHE B 105 -4.10 5.40 12.23
CA PHE B 105 -2.71 5.90 12.27
C PHE B 105 -2.49 6.73 13.53
N THR B 106 -3.41 6.69 14.50
CA THR B 106 -3.32 7.45 15.76
C THR B 106 -3.37 6.49 16.97
N LEU B 107 -2.34 6.54 17.80
CA LEU B 107 -2.21 5.73 19.05
C LEU B 107 -3.40 6.14 19.89
N PRO B 108 -4.03 5.15 20.55
CA PRO B 108 -5.08 5.42 21.54
C PRO B 108 -4.62 6.43 22.61
N ARG B 109 -5.47 7.39 22.90
CA ARG B 109 -5.34 8.26 24.10
C ARG B 109 -6.68 8.20 24.78
N SER B 110 -6.68 7.80 26.04
CA SER B 110 -7.90 7.45 26.79
C SER B 110 -7.62 7.52 28.30
N SER C 1 -22.75 -3.15 8.25
CA SER C 1 -23.01 -3.80 6.92
C SER C 1 -21.67 -4.15 6.25
N GLU C 2 -21.53 -5.35 5.74
CA GLU C 2 -20.32 -5.87 5.09
C GLU C 2 -20.66 -6.26 3.67
N PHE C 3 -19.82 -5.87 2.73
CA PHE C 3 -20.05 -6.00 1.31
C PHE C 3 -19.10 -7.07 0.81
N PHE C 4 -19.66 -8.24 0.47
CA PHE C 4 -18.86 -9.35 -0.02
C PHE C 4 -18.43 -8.98 -1.42
N VAL C 5 -17.12 -9.06 -1.65
CA VAL C 5 -16.56 -8.59 -2.95
C VAL C 5 -16.79 -9.55 -4.10
N ASP C 6 -16.72 -10.86 -3.88
CA ASP C 6 -16.82 -11.83 -4.98
C ASP C 6 -18.31 -11.98 -5.36
N VAL C 7 -18.64 -11.87 -6.65
CA VAL C 7 -19.98 -12.16 -7.21
C VAL C 7 -20.21 -13.68 -7.15
N MET C 8 -21.42 -14.04 -6.71
CA MET C 8 -21.93 -15.42 -6.55
C MET C 8 -22.56 -15.84 -7.88
#